data_5VGC
#
_entry.id   5VGC
#
_cell.length_a   151.376
_cell.length_b   151.376
_cell.length_c   87.983
_cell.angle_alpha   90.00
_cell.angle_beta   90.00
_cell.angle_gamma   120.00
#
_symmetry.space_group_name_H-M   'P 65 2 2'
#
loop_
_entity.id
_entity.type
_entity.pdbx_description
1 polymer 'NleG5-1 effector'
2 non-polymer 'CALCIUM ION'
3 non-polymer 'CHLORIDE ION'
4 non-polymer GLYCEROL
5 water water
#
_entity_poly.entity_id   1
_entity_poly.type   'polypeptide(L)'
_entity_poly.pdbx_seq_one_letter_code
;NAPVDLTPYILPGVSFLSDIPQETLSEIRNQTIRGEAQIRLGELMVSIRPMQVNGYFMGSLNQDGLSNDNIQIGLQYIEH
IERTLNHGSLTSREVTVLREIEMLENMDLLSNYQLEELLDKIEVCAFNVEHAQLQVPESLRTCPVTLCEPEDGVFMRNSM
NSNVCMLYDKMALIHLVKTRAAHPLSRESIAVSMIVGRDNAAFDPDRGNFVLKN
;
_entity_poly.pdbx_strand_id   A,B
#
loop_
_chem_comp.id
_chem_comp.type
_chem_comp.name
_chem_comp.formula
CA non-polymer 'CALCIUM ION' 'Ca 2'
CL non-polymer 'CHLORIDE ION' 'Cl -1'
GOL non-polymer GLYCEROL 'C3 H8 O3'
#
# COMPACT_ATOMS: atom_id res chain seq x y z
N VAL A 4 38.13 11.41 -1.84
CA VAL A 4 38.23 10.47 -3.00
C VAL A 4 38.19 11.25 -4.33
N ASP A 5 39.09 10.92 -5.26
CA ASP A 5 39.08 11.51 -6.61
C ASP A 5 38.76 10.48 -7.69
N LEU A 6 37.89 10.86 -8.61
CA LEU A 6 37.47 10.02 -9.72
C LEU A 6 37.88 10.57 -11.11
N THR A 7 38.61 11.68 -11.14
CA THR A 7 39.18 12.23 -12.38
C THR A 7 39.89 11.14 -13.22
N PRO A 8 40.76 10.31 -12.58
CA PRO A 8 41.29 9.10 -13.23
C PRO A 8 40.31 8.33 -14.14
N TYR A 9 39.05 8.19 -13.71
CA TYR A 9 38.05 7.44 -14.44
C TYR A 9 37.21 8.28 -15.42
N ILE A 10 37.53 9.57 -15.56
CA ILE A 10 36.79 10.45 -16.46
C ILE A 10 36.97 10.02 -17.93
N LEU A 11 36.00 10.34 -18.78
CA LEU A 11 36.06 10.06 -20.20
C LEU A 11 35.55 11.25 -21.01
N PRO A 12 36.13 11.49 -22.21
CA PRO A 12 35.82 12.69 -22.97
C PRO A 12 34.63 12.51 -23.90
N GLY A 13 33.82 13.55 -24.03
CA GLY A 13 32.70 13.59 -24.97
C GLY A 13 31.46 12.80 -24.58
N VAL A 14 31.42 12.30 -23.35
CA VAL A 14 30.30 11.47 -22.87
C VAL A 14 30.03 11.69 -21.38
N SER A 15 28.81 11.36 -20.96
CA SER A 15 28.34 11.65 -19.60
C SER A 15 28.58 10.52 -18.55
N PHE A 16 29.33 9.48 -18.92
CA PHE A 16 29.74 8.42 -17.98
C PHE A 16 31.27 8.34 -17.76
N LEU A 17 31.64 7.71 -16.65
CA LEU A 17 33.00 7.39 -16.28
C LEU A 17 33.29 5.92 -16.58
N SER A 18 34.58 5.59 -16.59
CA SER A 18 35.05 4.21 -16.82
C SER A 18 34.76 3.29 -15.64
N ASP A 19 34.92 1.99 -15.89
CA ASP A 19 34.66 0.92 -14.91
C ASP A 19 35.48 1.10 -13.62
N ILE A 20 34.84 1.69 -12.61
CA ILE A 20 35.43 1.92 -11.29
C ILE A 20 35.54 0.58 -10.50
N PRO A 21 36.65 0.37 -9.74
CA PRO A 21 36.76 -0.88 -8.96
C PRO A 21 36.02 -0.84 -7.62
N GLN A 22 35.26 -1.90 -7.35
CA GLN A 22 34.32 -1.95 -6.22
C GLN A 22 34.88 -1.40 -4.90
N GLU A 23 36.12 -1.80 -4.55
CA GLU A 23 36.75 -1.34 -3.30
C GLU A 23 36.79 0.18 -3.18
N THR A 24 36.98 0.88 -4.31
CA THR A 24 36.90 2.34 -4.34
C THR A 24 35.47 2.83 -4.00
N LEU A 25 34.46 2.17 -4.56
CA LEU A 25 33.06 2.53 -4.31
C LEU A 25 32.68 2.27 -2.85
N SER A 26 33.12 1.13 -2.31
CA SER A 26 32.97 0.80 -0.88
C SER A 26 33.53 1.90 0.03
N GLU A 27 34.71 2.41 -0.31
CA GLU A 27 35.28 3.56 0.43
C GLU A 27 34.42 4.81 0.31
N ILE A 28 33.80 5.04 -0.86
CA ILE A 28 32.82 6.13 -0.98
C ILE A 28 31.65 5.88 -0.03
N ARG A 29 31.12 4.66 -0.04
CA ARG A 29 30.01 4.28 0.86
C ARG A 29 30.37 4.47 2.34
N ASN A 30 31.61 4.11 2.71
CA ASN A 30 32.13 4.35 4.07
C ASN A 30 32.15 5.85 4.41
N GLN A 31 32.80 6.65 3.56
CA GLN A 31 32.88 8.11 3.75
C GLN A 31 31.50 8.79 3.89
N THR A 32 30.49 8.29 3.17
CA THR A 32 29.10 8.75 3.37
C THR A 32 28.51 8.23 4.66
N ILE A 33 28.65 6.92 4.90
CA ILE A 33 28.18 6.27 6.14
C ILE A 33 28.73 6.98 7.40
N ARG A 34 29.95 7.53 7.33
CA ARG A 34 30.44 8.40 8.42
C ARG A 34 29.61 9.68 8.53
N GLY A 35 29.59 10.47 7.46
CA GLY A 35 28.80 11.71 7.43
C GLY A 35 28.42 12.07 6.00
N GLU A 36 29.41 12.52 5.24
CA GLU A 36 29.28 12.77 3.81
C GLU A 36 30.60 12.42 3.15
N ALA A 37 30.55 12.06 1.86
CA ALA A 37 31.78 11.78 1.10
C ALA A 37 32.00 12.88 0.06
N GLN A 38 33.17 13.52 0.12
CA GLN A 38 33.56 14.55 -0.84
C GLN A 38 34.33 13.91 -1.98
N ILE A 39 33.69 13.87 -3.16
CA ILE A 39 34.29 13.32 -4.37
C ILE A 39 34.84 14.46 -5.24
N ARG A 40 36.04 14.24 -5.79
CA ARG A 40 36.67 15.15 -6.77
C ARG A 40 36.47 14.59 -8.18
N LEU A 41 36.00 15.44 -9.09
CA LEU A 41 35.86 15.07 -10.50
C LEU A 41 36.32 16.23 -11.34
N GLY A 42 37.30 15.99 -12.22
CA GLY A 42 38.07 17.07 -12.83
C GLY A 42 38.75 17.80 -11.68
N GLU A 43 38.46 19.09 -11.56
CA GLU A 43 38.71 19.84 -10.33
C GLU A 43 37.39 20.49 -9.92
N LEU A 44 36.38 19.64 -9.75
CA LEU A 44 35.04 20.03 -9.28
C LEU A 44 34.67 19.19 -8.07
N MET A 45 34.03 19.83 -7.09
CA MET A 45 33.60 19.18 -5.85
C MET A 45 32.18 18.62 -6.02
N VAL A 46 31.96 17.38 -5.58
CA VAL A 46 30.60 16.83 -5.41
C VAL A 46 30.49 16.13 -4.07
N SER A 47 29.36 16.33 -3.39
CA SER A 47 29.15 15.79 -2.04
C SER A 47 28.10 14.69 -2.10
N ILE A 48 28.49 13.49 -1.70
CA ILE A 48 27.56 12.37 -1.62
C ILE A 48 27.13 12.21 -0.16
N ARG A 49 25.82 12.27 0.08
CA ARG A 49 25.21 11.98 1.38
C ARG A 49 24.33 10.73 1.26
N PRO A 50 24.22 9.98 2.37
CA PRO A 50 23.36 8.79 2.38
C PRO A 50 21.90 9.22 2.44
N MET A 51 21.05 8.58 1.65
CA MET A 51 19.64 8.91 1.62
C MET A 51 18.94 8.33 2.83
N GLN A 52 17.70 8.76 3.02
CA GLN A 52 16.90 8.35 4.17
C GLN A 52 16.68 6.84 4.16
N VAL A 53 16.62 6.27 2.95
CA VAL A 53 16.52 4.82 2.77
C VAL A 53 17.90 4.22 2.82
N ASN A 54 17.99 3.03 3.43
CA ASN A 54 19.28 2.35 3.60
C ASN A 54 19.78 1.84 2.25
N GLY A 55 21.07 2.08 1.98
CA GLY A 55 21.73 1.59 0.80
C GLY A 55 21.72 2.50 -0.43
N TYR A 56 21.10 3.67 -0.30
CA TYR A 56 21.00 4.61 -1.41
C TYR A 56 21.69 5.92 -1.07
N PHE A 57 22.23 6.56 -2.10
CA PHE A 57 23.11 7.70 -1.95
C PHE A 57 22.66 8.81 -2.89
N MET A 58 22.92 10.03 -2.46
CA MET A 58 22.39 11.22 -3.09
C MET A 58 23.50 12.23 -3.20
N GLY A 59 23.66 12.81 -4.39
CA GLY A 59 24.78 13.69 -4.69
C GLY A 59 24.34 15.13 -4.84
N SER A 60 25.14 16.05 -4.32
CA SER A 60 24.93 17.48 -4.53
C SER A 60 26.20 18.13 -5.05
N LEU A 61 26.03 19.22 -5.81
CA LEU A 61 27.13 19.94 -6.43
C LEU A 61 27.44 21.24 -5.66
N ASN A 62 28.43 21.21 -4.78
CA ASN A 62 28.94 22.40 -4.10
C ASN A 62 29.63 23.31 -5.12
N GLN A 63 28.84 24.18 -5.76
CA GLN A 63 29.29 25.05 -6.85
C GLN A 63 28.87 26.48 -6.61
N ASP A 64 29.55 27.42 -7.27
CA ASP A 64 29.23 28.86 -7.17
C ASP A 64 29.64 29.59 -8.45
N GLY A 65 28.64 30.11 -9.18
CA GLY A 65 28.86 30.95 -10.37
C GLY A 65 29.57 30.31 -11.54
N LEU A 66 29.49 28.98 -11.66
CA LEU A 66 30.17 28.24 -12.73
C LEU A 66 29.39 28.27 -14.04
N SER A 67 30.06 27.87 -15.12
CA SER A 67 29.47 27.83 -16.46
C SER A 67 28.35 26.79 -16.58
N ASN A 68 27.30 27.14 -17.33
CA ASN A 68 26.17 26.23 -17.60
C ASN A 68 26.66 24.83 -17.95
N ASP A 69 27.51 24.76 -18.97
CA ASP A 69 28.20 23.52 -19.36
C ASP A 69 28.69 22.74 -18.13
N ASN A 70 29.45 23.43 -17.28
CA ASN A 70 29.99 22.82 -16.04
C ASN A 70 28.86 22.34 -15.12
N ILE A 71 27.79 23.14 -15.00
CA ILE A 71 26.65 22.77 -14.14
C ILE A 71 26.03 21.47 -14.67
N GLN A 72 25.61 21.49 -15.93
CA GLN A 72 24.96 20.32 -16.55
C GLN A 72 25.87 19.08 -16.54
N ILE A 73 27.12 19.24 -16.97
CA ILE A 73 28.11 18.14 -16.95
C ILE A 73 28.23 17.58 -15.51
N GLY A 74 28.40 18.48 -14.55
CA GLY A 74 28.44 18.09 -13.13
C GLY A 74 27.22 17.28 -12.71
N LEU A 75 26.04 17.80 -13.04
CA LEU A 75 24.79 17.09 -12.74
C LEU A 75 24.74 15.70 -13.41
N GLN A 76 25.16 15.62 -14.67
CA GLN A 76 25.27 14.33 -15.36
C GLN A 76 26.20 13.38 -14.59
N TYR A 77 27.37 13.90 -14.20
CA TYR A 77 28.30 13.07 -13.44
C TYR A 77 27.74 12.63 -12.09
N ILE A 78 26.97 13.50 -11.43
CA ILE A 78 26.24 13.10 -10.21
C ILE A 78 25.24 11.99 -10.52
N GLU A 79 24.46 12.16 -11.61
CA GLU A 79 23.55 11.09 -12.03
C GLU A 79 24.29 9.77 -12.20
N HIS A 80 25.41 9.82 -12.93
CA HIS A 80 26.24 8.62 -13.11
C HIS A 80 26.74 8.04 -11.78
N ILE A 81 27.31 8.88 -10.94
CA ILE A 81 27.82 8.39 -9.67
C ILE A 81 26.70 7.72 -8.87
N GLU A 82 25.55 8.42 -8.81
CA GLU A 82 24.37 7.90 -8.13
C GLU A 82 23.97 6.55 -8.71
N ARG A 83 23.85 6.46 -10.03
CA ARG A 83 23.48 5.17 -10.62
C ARG A 83 24.52 4.08 -10.31
N THR A 84 25.80 4.43 -10.34
CA THR A 84 26.85 3.46 -10.10
C THR A 84 26.81 2.97 -8.65
N LEU A 85 26.64 3.91 -7.72
CA LEU A 85 26.48 3.55 -6.29
C LEU A 85 25.17 2.82 -5.90
N ASN A 86 24.03 3.27 -6.41
CA ASN A 86 22.73 2.84 -5.88
C ASN A 86 22.28 1.45 -6.32
N HIS A 87 21.41 0.83 -5.52
CA HIS A 87 20.79 -0.44 -5.89
C HIS A 87 19.80 -0.18 -7.03
N GLY A 88 19.75 -1.12 -7.98
CA GLY A 88 18.94 -0.97 -9.19
C GLY A 88 19.42 0.07 -10.20
N SER A 89 20.62 0.61 -10.00
CA SER A 89 21.18 1.65 -10.85
C SER A 89 20.24 2.86 -10.97
N LEU A 90 19.59 3.19 -9.85
CA LEU A 90 18.66 4.30 -9.76
C LEU A 90 19.36 5.60 -9.40
N THR A 91 18.87 6.71 -9.94
CA THR A 91 19.18 8.03 -9.36
C THR A 91 18.41 8.26 -8.06
N SER A 92 18.90 9.20 -7.26
CA SER A 92 18.22 9.59 -6.02
C SER A 92 16.80 10.10 -6.23
N ARG A 93 16.62 10.85 -7.31
CA ARG A 93 15.29 11.35 -7.70
C ARG A 93 14.31 10.17 -7.88
N GLU A 94 14.74 9.15 -8.61
CA GLU A 94 13.91 7.97 -8.86
C GLU A 94 13.58 7.26 -7.56
N VAL A 95 14.60 7.15 -6.71
CA VAL A 95 14.44 6.58 -5.37
C VAL A 95 13.33 7.35 -4.62
N THR A 96 13.48 8.68 -4.55
CA THR A 96 12.46 9.52 -3.94
C THR A 96 11.07 9.26 -4.56
N VAL A 97 10.97 9.19 -5.89
CA VAL A 97 9.65 8.92 -6.50
C VAL A 97 9.10 7.58 -6.02
N LEU A 98 9.95 6.55 -6.04
CA LEU A 98 9.47 5.23 -5.62
C LEU A 98 9.00 5.23 -4.16
N ARG A 99 9.82 5.87 -3.32
CA ARG A 99 9.48 5.96 -1.90
C ARG A 99 8.18 6.76 -1.69
N GLU A 100 8.02 7.85 -2.44
CA GLU A 100 6.76 8.61 -2.39
C GLU A 100 5.60 7.74 -2.81
N ILE A 101 5.77 6.92 -3.85
CA ILE A 101 4.71 5.96 -4.18
C ILE A 101 4.45 5.04 -3.00
N GLU A 102 5.50 4.45 -2.43
CA GLU A 102 5.34 3.53 -1.28
C GLU A 102 4.59 4.17 -0.12
N MET A 103 4.94 5.41 0.19
CA MET A 103 4.37 6.13 1.33
C MET A 103 2.90 6.55 1.21
N LEU A 104 2.28 6.34 0.06
CA LEU A 104 0.82 6.49 -0.05
C LEU A 104 0.15 5.54 0.93
N GLU A 105 -0.95 5.98 1.52
CA GLU A 105 -1.68 5.26 2.56
C GLU A 105 -3.05 4.84 2.09
N ASN A 106 -3.66 3.92 2.84
N ASN A 106 -3.66 3.92 2.85
CA ASN A 106 -5.00 3.43 2.53
CA ASN A 106 -5.01 3.44 2.57
C ASN A 106 -5.94 4.62 2.27
C ASN A 106 -5.93 4.62 2.27
N MET A 107 -6.70 4.49 1.19
CA MET A 107 -7.61 5.55 0.69
C MET A 107 -6.99 6.82 0.13
N ASP A 108 -5.66 6.97 0.11
CA ASP A 108 -5.05 8.24 -0.38
C ASP A 108 -5.35 8.50 -1.86
N LEU A 109 -5.40 7.45 -2.68
CA LEU A 109 -5.78 7.57 -4.07
C LEU A 109 -7.27 7.46 -4.25
N LEU A 110 -7.94 6.53 -3.59
CA LEU A 110 -9.40 6.44 -3.73
C LEU A 110 -10.26 7.56 -3.11
N SER A 111 -9.68 8.40 -2.25
CA SER A 111 -10.44 9.52 -1.68
C SER A 111 -10.87 10.59 -2.73
N ASN A 112 -9.98 10.88 -3.70
CA ASN A 112 -10.26 11.80 -4.80
C ASN A 112 -11.62 11.56 -5.47
N TYR A 113 -12.01 10.29 -5.58
CA TYR A 113 -13.26 9.95 -6.25
C TYR A 113 -14.46 10.13 -5.32
N GLN A 114 -14.23 9.96 -4.02
CA GLN A 114 -15.31 10.01 -3.00
C GLN A 114 -15.54 11.45 -2.43
N LEU A 115 -14.58 12.30 -2.68
CA LEU A 115 -14.50 13.58 -1.99
C LEU A 115 -15.72 14.49 -2.16
N GLU A 116 -16.11 14.70 -3.44
CA GLU A 116 -17.18 15.62 -3.80
C GLU A 116 -18.53 15.18 -3.19
N GLU A 117 -18.85 13.90 -3.34
CA GLU A 117 -19.98 13.27 -2.67
C GLU A 117 -19.97 13.48 -1.13
N LEU A 118 -18.83 13.25 -0.50
CA LEU A 118 -18.68 13.40 0.94
C LEU A 118 -18.89 14.87 1.40
N LEU A 119 -18.23 15.78 0.70
CA LEU A 119 -18.38 17.21 0.96
C LEU A 119 -19.83 17.68 0.75
N ASP A 120 -20.42 17.22 -0.35
CA ASP A 120 -21.85 17.49 -0.60
C ASP A 120 -22.71 16.97 0.53
N LYS A 121 -22.45 15.74 0.99
CA LYS A 121 -23.25 15.24 2.11
C LYS A 121 -23.05 16.04 3.38
N ILE A 122 -21.81 16.45 3.67
CA ILE A 122 -21.60 17.33 4.82
C ILE A 122 -22.48 18.58 4.66
N GLU A 123 -22.28 19.24 3.51
CA GLU A 123 -23.06 20.42 3.17
C GLU A 123 -24.57 20.23 3.38
N VAL A 124 -25.11 19.11 2.91
CA VAL A 124 -26.54 18.84 3.11
C VAL A 124 -26.85 18.64 4.58
N CYS A 125 -26.02 17.89 5.31
CA CYS A 125 -26.38 17.52 6.68
C CYS A 125 -26.14 18.61 7.73
N ALA A 126 -25.32 19.60 7.40
CA ALA A 126 -25.03 20.69 8.33
C ALA A 126 -26.25 21.50 8.73
N PHE A 127 -26.35 21.85 10.02
CA PHE A 127 -27.49 22.66 10.53
C PHE A 127 -27.03 23.80 11.45
N ASN A 128 -27.84 24.85 11.49
CA ASN A 128 -27.69 25.97 12.43
C ASN A 128 -27.95 25.44 13.85
N VAL A 129 -26.89 25.38 14.66
CA VAL A 129 -27.02 24.80 16.00
C VAL A 129 -28.06 25.53 16.85
N GLU A 130 -27.94 26.86 16.92
CA GLU A 130 -28.80 27.62 17.82
C GLU A 130 -30.27 27.55 17.36
N HIS A 131 -30.53 27.58 16.06
CA HIS A 131 -31.89 27.26 15.58
C HIS A 131 -32.36 25.82 15.86
N ALA A 132 -31.47 24.86 16.12
CA ALA A 132 -31.92 23.46 16.26
C ALA A 132 -32.54 23.20 17.62
N GLN A 133 -32.22 24.06 18.57
CA GLN A 133 -32.83 24.06 19.90
C GLN A 133 -32.65 22.68 20.50
N LEU A 134 -31.38 22.30 20.62
CA LEU A 134 -30.99 21.04 21.19
C LEU A 134 -31.07 21.19 22.69
N GLN A 135 -31.81 20.29 23.35
CA GLN A 135 -31.92 20.28 24.81
C GLN A 135 -31.00 19.18 25.35
N VAL A 136 -29.72 19.53 25.52
CA VAL A 136 -28.69 18.58 25.94
C VAL A 136 -27.69 19.28 26.84
N PRO A 137 -26.82 18.50 27.49
CA PRO A 137 -25.79 19.13 28.30
C PRO A 137 -24.66 19.76 27.48
N GLU A 138 -24.04 20.75 28.09
CA GLU A 138 -23.03 21.56 27.44
C GLU A 138 -22.01 20.69 26.71
N SER A 139 -21.53 19.62 27.35
CA SER A 139 -20.53 18.76 26.75
C SER A 139 -20.93 18.24 25.35
N LEU A 140 -22.22 17.98 25.12
CA LEU A 140 -22.63 17.49 23.80
C LEU A 140 -22.81 18.63 22.78
N ARG A 141 -22.91 19.87 23.28
CA ARG A 141 -22.92 21.03 22.40
C ARG A 141 -21.55 21.35 21.80
N THR A 142 -20.45 20.86 22.38
CA THR A 142 -19.10 21.27 21.95
C THR A 142 -18.39 20.28 21.05
N CYS A 143 -17.80 20.78 19.97
CA CYS A 143 -17.10 19.97 18.98
C CYS A 143 -15.83 19.33 19.53
N PRO A 144 -15.62 18.02 19.27
CA PRO A 144 -14.39 17.36 19.78
C PRO A 144 -13.09 17.89 19.17
N VAL A 145 -13.17 18.50 17.97
CA VAL A 145 -12.01 19.09 17.33
C VAL A 145 -11.82 20.53 17.80
N THR A 146 -12.78 21.42 17.60
CA THR A 146 -12.60 22.85 17.98
C THR A 146 -12.66 23.10 19.49
N LEU A 147 -13.29 22.20 20.24
CA LEU A 147 -13.56 22.39 21.68
C LEU A 147 -14.47 23.62 21.93
N CYS A 148 -15.36 23.91 20.97
CA CYS A 148 -16.29 25.04 21.04
C CYS A 148 -17.64 24.59 20.56
N GLU A 149 -18.68 25.33 20.88
CA GLU A 149 -19.98 25.11 20.27
C GLU A 149 -19.92 25.72 18.88
N PRO A 150 -20.16 24.91 17.84
CA PRO A 150 -20.15 25.45 16.47
C PRO A 150 -21.44 26.19 16.17
N GLU A 151 -21.39 27.13 15.23
CA GLU A 151 -22.59 27.78 14.71
C GLU A 151 -23.31 26.90 13.72
N ASP A 152 -22.53 26.41 12.74
CA ASP A 152 -22.98 25.36 11.83
C ASP A 152 -22.40 24.04 12.27
N GLY A 153 -23.28 23.11 12.64
CA GLY A 153 -22.87 21.84 13.19
C GLY A 153 -23.26 20.69 12.28
N VAL A 154 -22.56 19.56 12.41
CA VAL A 154 -22.85 18.35 11.65
C VAL A 154 -22.72 17.12 12.55
N PHE A 155 -23.69 16.19 12.42
CA PHE A 155 -23.66 14.96 13.21
C PHE A 155 -22.80 13.93 12.52
N MET A 156 -21.84 13.34 13.25
CA MET A 156 -21.07 12.22 12.68
C MET A 156 -21.02 11.03 13.64
N ARG A 157 -21.21 9.84 13.08
CA ARG A 157 -21.18 8.63 13.86
C ARG A 157 -19.79 8.34 14.39
N ASN A 158 -19.73 7.72 15.58
CA ASN A 158 -18.46 7.40 16.22
C ASN A 158 -17.60 6.39 15.48
N SER A 159 -18.23 5.58 14.63
CA SER A 159 -17.54 4.61 13.79
C SER A 159 -18.45 4.13 12.65
N MET A 160 -17.92 3.31 11.76
CA MET A 160 -18.67 2.80 10.61
C MET A 160 -20.05 2.26 10.97
N ASN A 161 -20.16 1.52 12.07
CA ASN A 161 -21.43 0.88 12.48
C ASN A 161 -21.99 1.35 13.83
N SER A 162 -21.54 2.50 14.33
CA SER A 162 -21.94 2.97 15.65
C SER A 162 -23.34 3.57 15.55
N ASN A 163 -24.16 3.31 16.54
CA ASN A 163 -25.44 4.01 16.67
C ASN A 163 -25.33 5.39 17.34
N VAL A 164 -24.13 5.77 17.77
CA VAL A 164 -23.90 7.01 18.52
C VAL A 164 -23.18 8.01 17.61
N CYS A 165 -23.67 9.23 17.62
CA CYS A 165 -23.00 10.30 16.88
C CYS A 165 -22.70 11.49 17.75
N MET A 166 -21.77 12.29 17.25
CA MET A 166 -21.38 13.50 17.94
C MET A 166 -21.48 14.67 17.00
N LEU A 167 -21.62 15.83 17.62
CA LEU A 167 -21.77 17.09 16.93
C LEU A 167 -20.39 17.66 16.67
N TYR A 168 -20.06 17.89 15.40
CA TYR A 168 -18.80 18.53 15.01
C TYR A 168 -19.06 19.86 14.31
N ASP A 169 -18.04 20.73 14.38
CA ASP A 169 -18.00 21.94 13.57
C ASP A 169 -17.79 21.55 12.10
N LYS A 170 -18.73 22.05 11.28
CA LYS A 170 -18.73 21.82 9.84
C LYS A 170 -17.35 22.05 9.22
N MET A 171 -16.76 23.21 9.51
N MET A 171 -16.76 23.21 9.51
CA MET A 171 -15.44 23.59 9.01
CA MET A 171 -15.43 23.57 9.01
C MET A 171 -14.39 22.55 9.42
C MET A 171 -14.38 22.54 9.42
N ALA A 172 -14.51 22.04 10.65
CA ALA A 172 -13.59 21.02 11.16
C ALA A 172 -13.77 19.73 10.39
N LEU A 173 -15.02 19.33 10.17
CA LEU A 173 -15.28 18.12 9.39
C LEU A 173 -14.72 18.23 7.94
N ILE A 174 -14.98 19.39 7.33
CA ILE A 174 -14.40 19.70 6.02
C ILE A 174 -12.86 19.58 6.03
N HIS A 175 -12.23 20.13 7.07
N HIS A 175 -12.24 20.13 7.08
CA HIS A 175 -10.79 20.01 7.26
CA HIS A 175 -10.80 20.01 7.25
C HIS A 175 -10.34 18.56 7.43
C HIS A 175 -10.34 18.55 7.42
N LEU A 176 -11.06 17.77 8.22
CA LEU A 176 -10.72 16.35 8.41
C LEU A 176 -10.81 15.58 7.09
N VAL A 177 -11.91 15.82 6.36
CA VAL A 177 -12.11 15.11 5.09
C VAL A 177 -11.06 15.55 4.04
N LYS A 178 -10.91 16.86 3.84
CA LYS A 178 -9.95 17.36 2.85
C LYS A 178 -8.50 16.95 3.11
N THR A 179 -8.12 16.80 4.37
CA THR A 179 -6.78 16.31 4.72
C THR A 179 -6.76 14.78 4.81
N ARG A 180 -7.85 14.09 4.46
CA ARG A 180 -7.88 12.62 4.53
C ARG A 180 -7.51 12.10 5.95
N ALA A 181 -7.83 12.89 6.98
CA ALA A 181 -7.47 12.53 8.35
C ALA A 181 -8.42 11.47 8.88
N ALA A 182 -7.89 10.68 9.81
CA ALA A 182 -8.63 9.61 10.44
C ALA A 182 -9.76 10.18 11.35
N HIS A 183 -10.78 9.35 11.57
CA HIS A 183 -11.89 9.69 12.47
C HIS A 183 -11.29 9.84 13.85
N PRO A 184 -11.53 10.98 14.53
CA PRO A 184 -10.84 11.22 15.82
C PRO A 184 -11.03 10.16 16.92
N LEU A 185 -12.12 9.40 16.88
CA LEU A 185 -12.38 8.31 17.82
C LEU A 185 -11.93 6.94 17.28
N SER A 186 -12.56 6.48 16.22
CA SER A 186 -12.29 5.13 15.72
C SER A 186 -11.01 4.99 14.91
N ARG A 187 -10.46 6.13 14.45
CA ARG A 187 -9.32 6.17 13.52
C ARG A 187 -9.58 5.52 12.14
N GLU A 188 -10.84 5.27 11.80
CA GLU A 188 -11.23 4.77 10.50
C GLU A 188 -11.21 5.95 9.53
N SER A 189 -11.24 5.63 8.23
CA SER A 189 -11.40 6.65 7.21
C SER A 189 -12.83 7.16 7.29
N ILE A 190 -12.97 8.47 7.23
CA ILE A 190 -14.27 9.11 7.27
C ILE A 190 -15.01 8.87 5.95
N ALA A 191 -16.24 8.35 6.01
CA ALA A 191 -17.03 7.96 4.83
C ALA A 191 -18.47 8.45 4.91
N VAL A 192 -19.10 8.73 3.76
CA VAL A 192 -20.47 9.28 3.70
C VAL A 192 -21.47 8.70 4.73
N SER A 193 -21.51 7.38 4.84
CA SER A 193 -22.46 6.72 5.73
C SER A 193 -22.31 7.16 7.21
N MET A 194 -21.12 7.62 7.59
CA MET A 194 -20.91 8.19 8.93
C MET A 194 -21.59 9.55 9.17
N ILE A 195 -21.90 10.28 8.07
CA ILE A 195 -22.47 11.62 8.16
C ILE A 195 -23.97 11.45 8.17
N VAL A 196 -24.65 12.17 9.05
CA VAL A 196 -26.11 12.04 9.19
C VAL A 196 -26.78 13.38 9.45
N GLY A 197 -28.03 13.52 8.99
CA GLY A 197 -28.80 14.75 9.16
C GLY A 197 -29.43 14.87 10.55
N ARG A 198 -29.69 16.12 10.94
CA ARG A 198 -30.24 16.46 12.27
C ARG A 198 -31.42 15.56 12.71
N ASP A 199 -32.32 15.27 11.77
CA ASP A 199 -33.51 14.49 12.08
C ASP A 199 -33.27 12.99 12.22
N ASN A 200 -32.07 12.52 11.89
CA ASN A 200 -31.77 11.09 11.99
C ASN A 200 -31.18 10.69 13.35
N ALA A 201 -30.96 11.66 14.23
CA ALA A 201 -30.42 11.39 15.56
C ALA A 201 -31.14 12.17 16.64
N ALA A 202 -31.27 11.56 17.82
CA ALA A 202 -31.91 12.23 18.97
C ALA A 202 -31.09 12.03 20.24
N PHE A 203 -31.09 13.02 21.13
CA PHE A 203 -30.44 12.87 22.43
C PHE A 203 -31.20 11.83 23.26
N ASP A 204 -30.48 10.81 23.72
CA ASP A 204 -31.03 9.78 24.61
C ASP A 204 -30.50 10.07 26.02
N PRO A 205 -31.37 10.51 26.96
CA PRO A 205 -30.96 10.81 28.35
C PRO A 205 -30.29 9.65 29.11
N ASP A 206 -30.76 8.42 28.91
CA ASP A 206 -30.23 7.25 29.65
C ASP A 206 -28.84 6.82 29.16
N ARG A 207 -28.60 6.93 27.85
CA ARG A 207 -27.26 6.71 27.28
C ARG A 207 -26.34 7.93 27.33
N GLY A 208 -26.89 9.13 27.49
CA GLY A 208 -26.10 10.36 27.59
C GLY A 208 -25.41 10.79 26.29
N ASN A 209 -26.06 10.46 25.17
CA ASN A 209 -25.49 10.63 23.84
C ASN A 209 -26.60 10.83 22.84
N PHE A 210 -26.24 11.41 21.70
CA PHE A 210 -27.09 11.40 20.55
C PHE A 210 -27.06 10.00 19.94
N VAL A 211 -28.24 9.37 19.82
CA VAL A 211 -28.38 8.05 19.21
C VAL A 211 -29.16 8.18 17.90
N LEU A 212 -28.80 7.34 16.92
CA LEU A 212 -29.51 7.27 15.65
C LEU A 212 -30.95 6.81 15.87
N LYS A 213 -31.85 7.22 14.97
CA LYS A 213 -33.29 6.94 15.12
C LYS A 213 -33.68 5.52 14.68
N ASN A 214 -34.72 4.99 15.35
CA ASN A 214 -35.14 3.60 15.23
C ASN A 214 -36.25 3.46 14.17
N VAL B 4 -33.90 -9.49 -8.41
CA VAL B 4 -34.20 -8.08 -8.87
C VAL B 4 -33.73 -7.89 -10.32
N ASP B 5 -34.58 -7.28 -11.15
CA ASP B 5 -34.40 -7.29 -12.61
C ASP B 5 -34.21 -5.90 -13.21
N LEU B 6 -33.27 -5.80 -14.16
CA LEU B 6 -33.01 -4.55 -14.88
C LEU B 6 -33.30 -4.66 -16.39
N THR B 7 -33.81 -5.81 -16.85
CA THR B 7 -34.20 -6.00 -18.26
C THR B 7 -35.07 -4.84 -18.78
N PRO B 8 -36.11 -4.40 -18.02
CA PRO B 8 -36.82 -3.16 -18.36
C PRO B 8 -35.95 -1.99 -18.88
N TYR B 9 -34.77 -1.80 -18.27
CA TYR B 9 -33.88 -0.69 -18.62
C TYR B 9 -32.82 -1.05 -19.68
N ILE B 10 -32.92 -2.24 -20.26
CA ILE B 10 -32.01 -2.68 -21.33
C ILE B 10 -32.18 -1.80 -22.57
N LEU B 11 -31.13 -1.70 -23.38
CA LEU B 11 -31.16 -0.96 -24.65
C LEU B 11 -30.45 -1.75 -25.74
N PRO B 12 -30.94 -1.68 -26.99
CA PRO B 12 -30.45 -2.57 -28.04
C PRO B 12 -29.25 -2.02 -28.79
N GLY B 13 -28.31 -2.91 -29.13
CA GLY B 13 -27.12 -2.56 -29.92
C GLY B 13 -26.03 -1.77 -29.21
N VAL B 14 -26.13 -1.63 -27.89
CA VAL B 14 -25.17 -0.83 -27.11
C VAL B 14 -24.94 -1.42 -25.70
N SER B 15 -23.84 -1.02 -25.10
CA SER B 15 -23.34 -1.59 -23.83
C SER B 15 -23.86 -0.93 -22.54
N PHE B 16 -24.80 0.02 -22.63
CA PHE B 16 -25.33 0.73 -21.44
C PHE B 16 -26.84 0.60 -21.25
N LEU B 17 -27.30 0.88 -20.02
CA LEU B 17 -28.72 0.80 -19.65
C LEU B 17 -29.34 2.20 -19.59
N SER B 18 -30.67 2.25 -19.63
CA SER B 18 -31.44 3.49 -19.48
C SER B 18 -31.40 4.04 -18.06
N ASP B 19 -31.84 5.30 -17.90
CA ASP B 19 -31.83 6.00 -16.60
C ASP B 19 -32.67 5.26 -15.54
N ILE B 20 -32.00 4.45 -14.72
CA ILE B 20 -32.61 3.69 -13.62
C ILE B 20 -32.98 4.62 -12.45
N PRO B 21 -34.13 4.39 -11.78
CA PRO B 21 -34.49 5.23 -10.62
C PRO B 21 -33.80 4.82 -9.31
N GLN B 22 -33.25 5.82 -8.63
CA GLN B 22 -32.41 5.63 -7.45
C GLN B 22 -32.93 4.59 -6.45
N GLU B 23 -34.22 4.62 -6.13
CA GLU B 23 -34.83 3.66 -5.18
C GLU B 23 -34.52 2.19 -5.56
N THR B 24 -34.52 1.90 -6.87
CA THR B 24 -34.12 0.58 -7.36
C THR B 24 -32.63 0.28 -7.06
N LEU B 25 -31.76 1.28 -7.27
CA LEU B 25 -30.33 1.13 -6.97
C LEU B 25 -30.08 0.93 -5.47
N SER B 26 -30.78 1.71 -4.64
CA SER B 26 -30.75 1.54 -3.17
C SER B 26 -31.07 0.11 -2.76
N GLU B 27 -32.11 -0.47 -3.36
CA GLU B 27 -32.44 -1.88 -3.11
C GLU B 27 -31.31 -2.84 -3.55
N ILE B 28 -30.64 -2.53 -4.66
CA ILE B 28 -29.44 -3.29 -5.05
C ILE B 28 -28.37 -3.18 -3.96
N ARG B 29 -28.12 -1.94 -3.50
CA ARG B 29 -27.14 -1.70 -2.42
C ARG B 29 -27.49 -2.44 -1.13
N ASN B 30 -28.77 -2.48 -0.79
CA ASN B 30 -29.25 -3.26 0.36
C ASN B 30 -28.95 -4.76 0.18
N GLN B 31 -29.41 -5.32 -0.94
CA GLN B 31 -29.17 -6.75 -1.23
C GLN B 31 -27.68 -7.16 -1.20
N THR B 32 -26.79 -6.26 -1.65
CA THR B 32 -25.34 -6.49 -1.50
C THR B 32 -24.88 -6.33 -0.06
N ILE B 33 -25.31 -5.23 0.58
CA ILE B 33 -24.99 -4.97 2.01
C ILE B 33 -25.40 -6.15 2.90
N ARG B 34 -26.47 -6.87 2.56
CA ARG B 34 -26.80 -8.13 3.25
C ARG B 34 -25.70 -9.19 3.02
N GLY B 35 -25.49 -9.54 1.75
CA GLY B 35 -24.46 -10.52 1.37
C GLY B 35 -24.01 -10.30 -0.06
N GLU B 36 -24.90 -10.65 -0.99
CA GLU B 36 -24.70 -10.40 -2.41
C GLU B 36 -26.06 -10.08 -3.03
N ALA B 37 -26.06 -9.31 -4.12
CA ALA B 37 -27.31 -9.01 -4.83
C ALA B 37 -27.30 -9.70 -6.19
N GLN B 38 -28.35 -10.51 -6.43
CA GLN B 38 -28.55 -11.19 -7.72
C GLN B 38 -29.39 -10.31 -8.64
N ILE B 39 -28.74 -9.78 -9.67
CA ILE B 39 -29.40 -8.96 -10.69
C ILE B 39 -29.72 -9.80 -11.92
N ARG B 40 -30.92 -9.61 -12.47
CA ARG B 40 -31.34 -10.19 -13.74
C ARG B 40 -31.20 -9.17 -14.87
N LEU B 41 -30.53 -9.56 -15.95
CA LEU B 41 -30.42 -8.72 -17.15
C LEU B 41 -30.65 -9.59 -18.37
N GLY B 42 -31.63 -9.22 -19.19
CA GLY B 42 -32.18 -10.13 -20.19
C GLY B 42 -32.74 -11.31 -19.43
N GLU B 43 -32.24 -12.50 -19.72
CA GLU B 43 -32.41 -13.66 -18.85
C GLU B 43 -31.03 -14.21 -18.52
N LEU B 44 -30.18 -13.32 -18.00
CA LEU B 44 -28.82 -13.64 -17.55
C LEU B 44 -28.63 -13.21 -16.10
N MET B 45 -27.95 -14.05 -15.32
CA MET B 45 -27.68 -13.79 -13.90
C MET B 45 -26.36 -13.04 -13.74
N VAL B 46 -26.35 -11.99 -12.93
CA VAL B 46 -25.11 -11.32 -12.49
C VAL B 46 -25.17 -11.08 -10.98
N SER B 47 -24.04 -11.33 -10.30
CA SER B 47 -23.96 -11.23 -8.86
C SER B 47 -23.11 -10.02 -8.47
N ILE B 48 -23.71 -9.08 -7.75
CA ILE B 48 -22.99 -7.92 -7.24
C ILE B 48 -22.64 -8.16 -5.79
N ARG B 49 -21.34 -8.09 -5.49
CA ARG B 49 -20.82 -8.13 -4.12
C ARG B 49 -20.16 -6.80 -3.80
N PRO B 50 -20.19 -6.42 -2.50
CA PRO B 50 -19.45 -5.23 -2.06
C PRO B 50 -17.95 -5.55 -2.02
N MET B 51 -17.13 -4.64 -2.53
CA MET B 51 -15.68 -4.85 -2.55
C MET B 51 -15.10 -4.67 -1.16
N GLN B 52 -13.84 -5.05 -1.02
CA GLN B 52 -13.14 -4.97 0.26
C GLN B 52 -13.06 -3.53 0.74
N VAL B 53 -13.00 -2.59 -0.20
CA VAL B 53 -13.03 -1.16 0.12
C VAL B 53 -14.49 -0.72 0.26
N ASN B 54 -14.75 0.16 1.21
CA ASN B 54 -16.11 0.64 1.46
C ASN B 54 -16.56 1.55 0.31
N GLY B 55 -17.79 1.34 -0.15
CA GLY B 55 -18.40 2.21 -1.17
C GLY B 55 -18.25 1.73 -2.59
N TYR B 56 -17.53 0.62 -2.80
CA TYR B 56 -17.29 0.11 -4.13
C TYR B 56 -17.86 -1.29 -4.27
N PHE B 57 -18.29 -1.59 -5.50
CA PHE B 57 -19.05 -2.79 -5.78
C PHE B 57 -18.45 -3.50 -6.99
N MET B 58 -18.59 -4.82 -6.96
CA MET B 58 -17.91 -5.69 -7.90
C MET B 58 -18.93 -6.71 -8.38
N GLY B 59 -18.97 -6.90 -9.71
CA GLY B 59 -19.91 -7.79 -10.35
C GLY B 59 -19.23 -9.03 -10.89
N SER B 60 -19.89 -10.18 -10.73
CA SER B 60 -19.44 -11.43 -11.36
C SER B 60 -20.58 -12.04 -12.16
N LEU B 61 -20.21 -12.79 -13.21
CA LEU B 61 -21.17 -13.43 -14.10
C LEU B 61 -21.25 -14.94 -13.80
N ASN B 62 -22.27 -15.34 -13.02
CA ASN B 62 -22.50 -16.77 -12.75
C ASN B 62 -22.97 -17.45 -14.04
N GLN B 63 -22.01 -17.92 -14.84
CA GLN B 63 -22.26 -18.51 -16.16
C GLN B 63 -21.52 -19.82 -16.31
N ASP B 64 -21.98 -20.65 -17.27
CA ASP B 64 -21.31 -21.91 -17.63
C ASP B 64 -21.59 -22.28 -19.09
N GLY B 65 -20.54 -22.28 -19.91
CA GLY B 65 -20.61 -22.71 -21.31
C GLY B 65 -21.53 -21.92 -22.24
N LEU B 66 -21.77 -20.65 -21.92
CA LEU B 66 -22.66 -19.78 -22.71
C LEU B 66 -21.92 -19.16 -23.91
N SER B 67 -22.68 -18.52 -24.80
CA SER B 67 -22.15 -17.95 -26.04
C SER B 67 -21.20 -16.77 -25.81
N ASN B 68 -20.12 -16.71 -26.59
CA ASN B 68 -19.15 -15.60 -26.54
C ASN B 68 -19.86 -14.26 -26.43
N ASP B 69 -20.73 -13.99 -27.40
CA ASP B 69 -21.60 -12.81 -27.42
C ASP B 69 -22.19 -12.54 -26.04
N ASN B 70 -22.83 -13.57 -25.47
CA ASN B 70 -23.44 -13.47 -24.12
C ASN B 70 -22.38 -13.13 -23.06
N ILE B 71 -21.21 -13.78 -23.14
CA ILE B 71 -20.13 -13.52 -22.17
C ILE B 71 -19.72 -12.05 -22.24
N GLN B 72 -19.32 -11.61 -23.44
CA GLN B 72 -18.84 -10.23 -23.63
C GLN B 72 -19.92 -9.20 -23.27
N ILE B 73 -21.14 -9.39 -23.79
CA ILE B 73 -22.27 -8.49 -23.48
C ILE B 73 -22.48 -8.43 -21.95
N GLY B 74 -22.51 -9.61 -21.32
CA GLY B 74 -22.62 -9.69 -19.86
C GLY B 74 -21.54 -8.90 -19.14
N LEU B 75 -20.30 -9.13 -19.55
CA LEU B 75 -19.16 -8.39 -18.98
C LEU B 75 -19.30 -6.88 -19.19
N GLN B 76 -19.72 -6.45 -20.38
CA GLN B 76 -19.99 -5.03 -20.63
C GLN B 76 -21.05 -4.51 -19.67
N TYR B 77 -22.15 -5.25 -19.53
CA TYR B 77 -23.19 -4.83 -18.58
C TYR B 77 -22.69 -4.76 -17.13
N ILE B 78 -21.82 -5.70 -16.75
CA ILE B 78 -21.16 -5.63 -15.44
C ILE B 78 -20.29 -4.37 -15.33
N GLU B 79 -19.49 -4.09 -16.37
CA GLU B 79 -18.70 -2.87 -16.40
C GLU B 79 -19.59 -1.65 -16.18
N HIS B 80 -20.68 -1.58 -16.96
CA HIS B 80 -21.65 -0.47 -16.79
C HIS B 80 -22.21 -0.40 -15.38
N ILE B 81 -22.70 -1.52 -14.87
CA ILE B 81 -23.28 -1.51 -13.53
C ILE B 81 -22.26 -1.01 -12.52
N GLU B 82 -21.05 -1.56 -12.61
CA GLU B 82 -19.93 -1.16 -11.75
C GLU B 82 -19.66 0.33 -11.86
N ARG B 83 -19.52 0.84 -13.08
CA ARG B 83 -19.29 2.27 -13.24
C ARG B 83 -20.44 3.11 -12.68
N THR B 84 -21.69 2.66 -12.88
CA THR B 84 -22.84 3.42 -12.42
C THR B 84 -22.88 3.44 -10.89
N LEU B 85 -22.63 2.30 -10.28
CA LEU B 85 -22.58 2.20 -8.81
C LEU B 85 -21.37 2.88 -8.12
N ASN B 86 -20.17 2.71 -8.68
CA ASN B 86 -18.93 3.09 -7.97
C ASN B 86 -18.62 4.59 -7.95
N HIS B 87 -17.87 5.00 -6.92
CA HIS B 87 -17.37 6.37 -6.84
C HIS B 87 -16.34 6.60 -7.95
N GLY B 88 -16.36 7.78 -8.56
CA GLY B 88 -15.50 8.12 -9.69
C GLY B 88 -15.85 7.42 -11.00
N SER B 89 -17.00 6.75 -11.06
CA SER B 89 -17.39 5.96 -12.23
C SER B 89 -16.33 4.93 -12.63
N LEU B 90 -15.68 4.35 -11.63
CA LEU B 90 -14.63 3.36 -11.81
C LEU B 90 -15.19 1.94 -11.91
N THR B 91 -14.54 1.11 -12.73
CA THR B 91 -14.71 -0.34 -12.66
C THR B 91 -13.99 -0.91 -11.44
N SER B 92 -14.41 -2.11 -11.02
CA SER B 92 -13.77 -2.79 -9.89
C SER B 92 -12.27 -3.06 -10.17
N ARG B 93 -11.96 -3.40 -11.41
CA ARG B 93 -10.57 -3.58 -11.84
C ARG B 93 -9.71 -2.34 -11.52
N GLU B 94 -10.20 -1.18 -11.93
CA GLU B 94 -9.50 0.09 -11.70
C GLU B 94 -9.30 0.35 -10.20
N VAL B 95 -10.38 0.08 -9.47
CA VAL B 95 -10.37 0.17 -8.01
C VAL B 95 -9.25 -0.71 -7.45
N THR B 96 -9.25 -1.98 -7.84
CA THR B 96 -8.19 -2.91 -7.44
C THR B 96 -6.82 -2.39 -7.82
N VAL B 97 -6.63 -1.85 -9.03
CA VAL B 97 -5.30 -1.30 -9.39
C VAL B 97 -4.92 -0.18 -8.40
N LEU B 98 -5.85 0.74 -8.18
CA LEU B 98 -5.53 1.86 -7.28
C LEU B 98 -5.19 1.37 -5.84
N ARG B 99 -6.00 0.43 -5.38
CA ARG B 99 -5.79 -0.16 -4.06
C ARG B 99 -4.46 -0.91 -3.98
N GLU B 100 -4.13 -1.67 -5.03
CA GLU B 100 -2.82 -2.34 -5.12
C GLU B 100 -1.71 -1.32 -5.06
N ILE B 101 -1.87 -0.19 -5.77
CA ILE B 101 -0.85 0.86 -5.60
C ILE B 101 -0.76 1.30 -4.13
N GLU B 102 -1.92 1.61 -3.54
CA GLU B 102 -1.93 2.05 -2.12
C GLU B 102 -1.24 1.03 -1.17
N MET B 103 -1.56 -0.24 -1.37
CA MET B 103 -1.10 -1.32 -0.50
C MET B 103 0.40 -1.63 -0.57
N LEU B 104 1.15 -1.00 -1.49
CA LEU B 104 2.60 -1.10 -1.46
C LEU B 104 3.10 -0.60 -0.10
N GLU B 105 4.14 -1.28 0.39
CA GLU B 105 4.75 -0.98 1.68
C GLU B 105 6.18 -0.51 1.49
N ASN B 106 6.70 0.15 2.54
CA ASN B 106 8.10 0.55 2.58
C ASN B 106 9.02 -0.58 2.07
N MET B 107 9.93 -0.21 1.19
CA MET B 107 10.86 -1.12 0.51
C MET B 107 10.28 -2.12 -0.50
N ASP B 108 8.96 -2.15 -0.72
CA ASP B 108 8.38 -3.16 -1.64
C ASP B 108 8.90 -3.05 -3.09
N LEU B 109 9.12 -1.83 -3.56
CA LEU B 109 9.72 -1.59 -4.87
C LEU B 109 11.25 -1.58 -4.78
N LEU B 110 11.78 -0.88 -3.79
CA LEU B 110 13.23 -0.72 -3.67
C LEU B 110 14.03 -1.93 -3.14
N SER B 111 13.38 -3.01 -2.68
CA SER B 111 14.18 -4.15 -2.12
C SER B 111 14.59 -5.29 -3.08
N ASN B 112 14.44 -5.10 -4.40
CA ASN B 112 14.69 -6.20 -5.36
C ASN B 112 16.06 -6.87 -5.21
N TYR B 113 17.06 -6.10 -4.81
CA TYR B 113 18.41 -6.60 -4.58
C TYR B 113 18.53 -7.57 -3.37
N GLN B 114 17.62 -7.44 -2.40
CA GLN B 114 17.67 -8.32 -1.23
C GLN B 114 17.20 -9.71 -1.59
N LEU B 115 16.17 -9.85 -2.44
CA LEU B 115 15.85 -11.14 -3.07
C LEU B 115 17.07 -11.80 -3.76
N GLU B 116 17.75 -11.04 -4.62
CA GLU B 116 18.87 -11.57 -5.43
C GLU B 116 20.03 -11.97 -4.51
N GLU B 117 20.36 -11.09 -3.57
CA GLU B 117 21.32 -11.39 -2.48
C GLU B 117 20.94 -12.68 -1.70
N LEU B 118 19.66 -12.77 -1.31
CA LEU B 118 19.16 -13.95 -0.57
C LEU B 118 19.28 -15.25 -1.38
N LEU B 119 18.82 -15.20 -2.62
CA LEU B 119 18.92 -16.34 -3.55
C LEU B 119 20.37 -16.74 -3.79
N ASP B 120 21.23 -15.74 -4.01
CA ASP B 120 22.68 -16.00 -4.12
C ASP B 120 23.22 -16.69 -2.87
N LYS B 121 22.84 -16.18 -1.70
CA LYS B 121 23.32 -16.84 -0.48
C LYS B 121 22.77 -18.27 -0.34
N ILE B 122 21.50 -18.47 -0.68
CA ILE B 122 20.97 -19.86 -0.68
C ILE B 122 21.84 -20.72 -1.59
N GLU B 123 21.97 -20.25 -2.83
CA GLU B 123 22.79 -20.95 -3.82
C GLU B 123 24.18 -21.30 -3.28
N VAL B 124 24.84 -20.35 -2.63
CA VAL B 124 26.15 -20.65 -2.02
C VAL B 124 26.00 -21.71 -0.91
N CYS B 125 24.99 -21.59 -0.04
CA CYS B 125 24.95 -22.43 1.17
C CYS B 125 24.39 -23.84 0.93
N ALA B 126 23.69 -24.04 -0.19
CA ALA B 126 23.08 -25.35 -0.50
C ALA B 126 24.13 -26.43 -0.67
N PHE B 127 23.84 -27.65 -0.15
CA PHE B 127 24.74 -28.81 -0.31
C PHE B 127 24.01 -30.09 -0.71
N ASN B 128 24.72 -30.99 -1.40
CA ASN B 128 24.07 -32.08 -2.16
C ASN B 128 24.92 -33.20 -2.80
N VAL B 129 24.23 -34.28 -3.13
CA VAL B 129 24.79 -35.33 -3.99
C VAL B 129 25.32 -34.77 -5.32
N GLU B 130 24.50 -33.95 -5.98
CA GLU B 130 24.67 -33.65 -7.40
C GLU B 130 26.01 -32.93 -7.72
N HIS B 131 26.73 -33.44 -8.72
CA HIS B 131 28.07 -32.89 -9.04
C HIS B 131 28.01 -31.45 -9.56
N SER B 139 14.84 -38.15 10.89
CA SER B 139 13.95 -37.06 11.32
C SER B 139 14.53 -35.67 11.00
N LEU B 140 15.81 -35.48 11.29
CA LEU B 140 16.50 -34.25 10.92
C LEU B 140 16.91 -34.23 9.44
N ARG B 141 16.90 -35.39 8.78
CA ARG B 141 17.08 -35.47 7.34
C ARG B 141 15.90 -34.91 6.53
N THR B 142 14.70 -34.82 7.10
CA THR B 142 13.50 -34.45 6.33
C THR B 142 13.06 -33.00 6.52
N CYS B 143 12.77 -32.33 5.42
CA CYS B 143 12.48 -30.89 5.41
C CYS B 143 11.11 -30.60 6.04
N PRO B 144 11.03 -29.56 6.93
CA PRO B 144 9.74 -29.25 7.56
C PRO B 144 8.66 -28.75 6.59
N VAL B 145 9.07 -28.23 5.42
CA VAL B 145 8.14 -27.76 4.41
C VAL B 145 7.73 -28.93 3.48
N THR B 146 8.69 -29.56 2.80
CA THR B 146 8.37 -30.63 1.85
C THR B 146 7.94 -31.94 2.51
N LEU B 147 8.33 -32.15 3.77
CA LEU B 147 8.15 -33.43 4.48
C LEU B 147 8.87 -34.61 3.78
N CYS B 148 9.99 -34.30 3.12
CA CYS B 148 10.81 -35.29 2.41
C CYS B 148 12.25 -35.00 2.69
N GLU B 149 13.12 -35.97 2.46
CA GLU B 149 14.56 -35.71 2.48
C GLU B 149 14.89 -35.04 1.15
N PRO B 150 15.46 -33.83 1.21
CA PRO B 150 15.84 -33.15 -0.03
C PRO B 150 17.13 -33.73 -0.61
N GLU B 151 17.31 -33.59 -1.92
CA GLU B 151 18.58 -33.91 -2.58
C GLU B 151 19.61 -32.80 -2.32
N ASP B 152 19.18 -31.57 -2.60
CA ASP B 152 19.93 -30.37 -2.28
C ASP B 152 19.32 -29.74 -1.05
N GLY B 153 20.09 -29.67 0.03
CA GLY B 153 19.61 -29.16 1.31
C GLY B 153 20.28 -27.85 1.69
N VAL B 154 19.60 -27.06 2.53
CA VAL B 154 20.13 -25.80 3.03
C VAL B 154 19.80 -25.63 4.52
N PHE B 155 20.77 -25.15 5.30
CA PHE B 155 20.59 -24.93 6.73
C PHE B 155 19.98 -23.55 6.95
N MET B 156 18.87 -23.47 7.69
CA MET B 156 18.32 -22.15 8.08
C MET B 156 18.05 -22.07 9.57
N ARG B 157 18.42 -20.93 10.16
CA ARG B 157 18.20 -20.72 11.59
C ARG B 157 16.72 -20.60 11.93
N ASN B 158 16.34 -21.06 13.12
CA ASN B 158 14.93 -21.00 13.54
C ASN B 158 14.41 -19.58 13.76
N SER B 159 15.33 -18.64 14.03
CA SER B 159 14.99 -17.23 14.18
C SER B 159 16.26 -16.36 14.12
N MET B 160 16.07 -15.04 14.12
CA MET B 160 17.18 -14.08 14.06
C MET B 160 18.36 -14.41 14.99
N ASN B 161 18.07 -14.81 16.22
CA ASN B 161 19.11 -15.07 17.24
C ASN B 161 19.08 -16.49 17.81
N SER B 162 18.58 -17.46 17.06
CA SER B 162 18.35 -18.81 17.65
C SER B 162 19.56 -19.66 18.01
N ASN B 163 20.58 -19.70 17.16
CA ASN B 163 21.73 -20.63 17.25
C ASN B 163 21.42 -22.05 16.76
N VAL B 164 20.13 -22.35 16.56
CA VAL B 164 19.66 -23.67 16.13
C VAL B 164 19.09 -23.52 14.73
N CYS B 165 19.51 -24.44 13.86
CA CYS B 165 19.05 -24.41 12.47
C CYS B 165 18.48 -25.75 12.05
N MET B 166 17.72 -25.69 10.97
CA MET B 166 17.14 -26.89 10.41
C MET B 166 17.44 -26.99 8.94
N LEU B 167 17.38 -28.23 8.47
CA LEU B 167 17.66 -28.56 7.09
C LEU B 167 16.38 -28.40 6.29
N TYR B 168 16.42 -27.55 5.27
CA TYR B 168 15.30 -27.36 4.35
C TYR B 168 15.69 -27.76 2.93
N ASP B 169 14.66 -28.10 2.16
CA ASP B 169 14.77 -28.28 0.73
C ASP B 169 15.05 -26.92 0.07
N LYS B 170 16.14 -26.88 -0.69
CA LYS B 170 16.58 -25.69 -1.43
C LYS B 170 15.42 -25.04 -2.18
N MET B 171 14.70 -25.84 -2.96
CA MET B 171 13.52 -25.36 -3.71
C MET B 171 12.47 -24.73 -2.79
N ALA B 172 12.28 -25.32 -1.62
CA ALA B 172 11.36 -24.77 -0.61
C ALA B 172 11.85 -23.42 -0.12
N LEU B 173 13.13 -23.35 0.19
CA LEU B 173 13.70 -22.05 0.63
C LEU B 173 13.58 -20.96 -0.47
N ILE B 174 13.92 -21.36 -1.70
CA ILE B 174 13.72 -20.51 -2.88
C ILE B 174 12.25 -20.05 -2.99
N HIS B 175 11.31 -20.98 -2.79
CA HIS B 175 9.88 -20.65 -2.79
C HIS B 175 9.52 -19.65 -1.69
N LEU B 176 10.04 -19.87 -0.47
CA LEU B 176 9.77 -18.93 0.63
C LEU B 176 10.30 -17.54 0.33
N VAL B 177 11.54 -17.49 -0.16
CA VAL B 177 12.15 -16.19 -0.47
C VAL B 177 11.47 -15.49 -1.65
N LYS B 178 11.28 -16.21 -2.76
CA LYS B 178 10.60 -15.64 -3.94
C LYS B 178 9.17 -15.12 -3.68
N THR B 179 8.45 -15.77 -2.77
CA THR B 179 7.12 -15.31 -2.38
C THR B 179 7.20 -14.32 -1.21
N ARG B 180 8.40 -13.90 -0.80
CA ARG B 180 8.54 -12.96 0.33
C ARG B 180 7.81 -13.46 1.60
N ALA B 181 7.75 -14.78 1.78
CA ALA B 181 6.98 -15.37 2.90
C ALA B 181 7.72 -15.24 4.21
N ALA B 182 6.96 -15.18 5.29
CA ALA B 182 7.52 -15.16 6.66
C ALA B 182 8.19 -16.50 7.02
N HIS B 183 9.13 -16.46 7.97
CA HIS B 183 9.83 -17.65 8.44
C HIS B 183 8.77 -18.59 9.06
N PRO B 184 8.69 -19.85 8.60
CA PRO B 184 7.59 -20.72 9.06
C PRO B 184 7.47 -20.94 10.58
N LEU B 185 8.56 -20.79 11.33
CA LEU B 185 8.56 -20.89 12.80
C LEU B 185 8.40 -19.53 13.49
N SER B 186 9.39 -18.65 13.33
CA SER B 186 9.38 -17.37 14.04
C SER B 186 8.44 -16.31 13.45
N ARG B 187 8.02 -16.50 12.19
CA ARG B 187 7.25 -15.50 11.41
C ARG B 187 8.01 -14.18 11.15
N GLU B 188 9.33 -14.17 11.35
CA GLU B 188 10.15 -13.02 11.04
C GLU B 188 10.40 -13.01 9.54
N SER B 189 10.85 -11.87 9.03
CA SER B 189 11.29 -11.78 7.65
C SER B 189 12.57 -12.57 7.51
N ILE B 190 12.66 -13.37 6.46
CA ILE B 190 13.84 -14.19 6.18
C ILE B 190 14.96 -13.25 5.70
N ALA B 191 16.11 -13.34 6.35
CA ALA B 191 17.24 -12.42 6.12
C ALA B 191 18.55 -13.20 6.02
N VAL B 192 19.49 -12.71 5.21
CA VAL B 192 20.75 -13.43 4.89
C VAL B 192 21.41 -14.16 6.07
N SER B 193 21.54 -13.44 7.19
CA SER B 193 22.19 -13.99 8.39
C SER B 193 21.53 -15.30 8.90
N MET B 194 20.26 -15.50 8.61
CA MET B 194 19.57 -16.77 8.94
C MET B 194 20.01 -17.97 8.10
N ILE B 195 20.60 -17.71 6.91
CA ILE B 195 21.04 -18.78 6.00
C ILE B 195 22.48 -19.08 6.36
N VAL B 196 22.83 -20.35 6.47
CA VAL B 196 24.20 -20.74 6.86
C VAL B 196 24.69 -21.94 6.07
N GLY B 197 26.00 -22.01 5.85
CA GLY B 197 26.63 -23.10 5.11
C GLY B 197 26.86 -24.33 5.97
N ARG B 198 26.94 -25.49 5.31
CA ARG B 198 27.12 -26.80 5.97
C ARG B 198 28.17 -26.80 7.10
N ASP B 199 29.29 -26.14 6.88
CA ASP B 199 30.39 -26.12 7.83
C ASP B 199 30.17 -25.20 9.03
N ASN B 200 29.12 -24.38 9.01
CA ASN B 200 28.87 -23.46 10.13
C ASN B 200 27.94 -24.05 11.20
N ALA B 201 27.43 -25.27 10.97
CA ALA B 201 26.52 -25.91 11.90
C ALA B 201 26.89 -27.38 12.10
N ALA B 202 26.68 -27.90 13.32
CA ALA B 202 26.96 -29.30 13.63
C ALA B 202 25.82 -29.91 14.43
N PHE B 203 25.54 -31.20 14.19
CA PHE B 203 24.58 -31.93 15.00
C PHE B 203 25.08 -32.08 16.42
N ASP B 204 24.27 -31.63 17.39
CA ASP B 204 24.56 -31.80 18.81
C ASP B 204 23.66 -32.94 19.33
N PRO B 205 24.25 -34.10 19.68
CA PRO B 205 23.49 -35.25 20.19
C PRO B 205 22.63 -34.98 21.45
N ASP B 206 23.15 -34.18 22.38
CA ASP B 206 22.45 -33.91 23.65
C ASP B 206 21.23 -32.99 23.48
N ARG B 207 21.35 -32.00 22.59
CA ARG B 207 20.21 -31.14 22.22
C ARG B 207 19.31 -31.73 21.11
N GLY B 208 19.80 -32.70 20.34
CA GLY B 208 19.00 -33.34 19.29
C GLY B 208 18.72 -32.44 18.09
N ASN B 209 19.65 -31.54 17.81
CA ASN B 209 19.46 -30.51 16.80
C ASN B 209 20.81 -30.09 16.23
N PHE B 210 20.76 -29.48 15.05
CA PHE B 210 21.92 -28.82 14.49
C PHE B 210 22.08 -27.50 15.22
N VAL B 211 23.26 -27.28 15.80
CA VAL B 211 23.62 -25.98 16.43
C VAL B 211 24.72 -25.30 15.63
N LEU B 212 24.73 -23.97 15.65
CA LEU B 212 25.82 -23.20 15.03
C LEU B 212 27.15 -23.46 15.72
N LYS B 213 28.24 -23.25 14.98
CA LYS B 213 29.61 -23.41 15.51
C LYS B 213 30.07 -22.25 16.40
N ASN B 214 30.93 -22.59 17.36
CA ASN B 214 31.36 -21.69 18.43
C ASN B 214 32.67 -20.97 18.04
CA CA C . 1.68 2.45 0.70
CA CA D . -26.48 30.63 14.10
CA CA E . -5.82 8.82 6.05
CA CA F . -25.49 33.69 16.47
CA CA G . -23.70 30.88 19.40
CL CL H . -4.31 7.07 13.89
CL CL I . -30.43 24.71 9.64
C1 GOL J . 12.32 8.72 -17.36
O1 GOL J . 12.21 9.92 -16.59
C2 GOL J . 13.59 7.95 -16.99
O2 GOL J . 14.74 8.77 -17.20
C3 GOL J . 13.53 7.51 -15.53
O3 GOL J . 14.27 8.42 -14.70
C1 GOL K . -21.83 20.54 -5.97
O1 GOL K . -20.76 19.83 -5.33
C2 GOL K . -22.47 19.65 -7.02
O2 GOL K . -23.72 20.21 -7.43
C3 GOL K . -21.54 19.51 -8.22
O3 GOL K . -21.81 18.27 -8.89
CL CL L . 16.43 -2.19 -6.28
C1 GOL M . -8.95 5.87 -13.13
O1 GOL M . -9.26 7.06 -13.88
C2 GOL M . -7.65 5.23 -13.62
O2 GOL M . -6.66 6.26 -13.81
C3 GOL M . -7.13 4.21 -12.60
O3 GOL M . -6.62 3.06 -13.27
#